data_4WS6
#
_entry.id   4WS6
#
_cell.length_a   38.958
_cell.length_b   63.976
_cell.length_c   45.225
_cell.angle_alpha   90.00
_cell.angle_beta   112.36
_cell.angle_gamma   90.00
#
_symmetry.space_group_name_H-M   'P 1 21 1'
#
loop_
_entity.id
_entity.type
_entity.pdbx_description
1 polymer 'Uracil-DNA glycosylase'
2 non-polymer 5-AMINO-1H-PYRIMIDINE-2,4-DIONE
3 non-polymer 'CITRIC ACID'
4 non-polymer 1,2-ETHANEDIOL
5 non-polymer 'DIMETHYL SULFOXIDE'
6 non-polymer 'ISOPROPYL ALCOHOL'
7 non-polymer 'CHLORIDE ION'
8 water water
#
_entity_poly.entity_id   1
_entity_poly.type   'polypeptide(L)'
_entity_poly.pdbx_seq_one_letter_code
;MHHHHHHGMASMTARPLSELVERGWAAALEPVADQVAHMGQFLRAEIAAGRRYLPAGSNVLRAFTFPFDNVRVLIVGQDP
YPTPGHAVGLSFSVAPDVRPWPRSLANIFDEYTADLGYPLPSNGDLTPWAQRGVLLLNRVLTVRPSNPASHRGKGWEAVT
ECAIRALAARAAPLVAILWGRDASTLKPMLAAGNCVAIESPHPSPLSASRGFFGSRPFSRANELLVGMGAEPIDWRLP
;
_entity_poly.pdbx_strand_id   A
#
loop_
_chem_comp.id
_chem_comp.type
_chem_comp.name
_chem_comp.formula
CIT non-polymer 'CITRIC ACID' 'C6 H8 O7'
CL non-polymer 'CHLORIDE ION' 'Cl -1'
DMS non-polymer 'DIMETHYL SULFOXIDE' 'C2 H6 O S'
EDO non-polymer 1,2-ETHANEDIOL 'C2 H6 O2'
IPA non-polymer 'ISOPROPYL ALCOHOL' 'C3 H8 O'
WBU non-polymer 5-AMINO-1H-PYRIMIDINE-2,4-DIONE 'C4 H5 N3 O2'
#
# COMPACT_ATOMS: atom_id res chain seq x y z
N SER A 11 -18.33 7.06 -6.16
CA SER A 11 -18.36 5.72 -6.81
C SER A 11 -17.40 5.59 -7.98
N MET A 12 -16.57 4.54 -7.95
N MET A 12 -16.56 4.55 -7.96
CA MET A 12 -15.62 4.25 -9.03
CA MET A 12 -15.62 4.30 -9.04
C MET A 12 -16.28 3.94 -10.36
C MET A 12 -16.28 3.94 -10.36
N THR A 13 -17.48 3.39 -10.32
CA THR A 13 -18.23 3.16 -11.54
C THR A 13 -18.80 4.45 -12.12
N ALA A 14 -19.18 5.38 -11.24
CA ALA A 14 -19.99 6.51 -11.63
C ALA A 14 -19.20 7.77 -11.92
N ARG A 15 -18.04 7.95 -11.29
CA ARG A 15 -17.32 9.23 -11.37
C ARG A 15 -15.92 9.06 -11.86
N PRO A 16 -15.36 10.09 -12.52
CA PRO A 16 -14.05 9.97 -13.14
C PRO A 16 -12.92 10.13 -12.14
N LEU A 17 -11.73 9.73 -12.58
CA LEU A 17 -10.54 9.84 -11.73
C LEU A 17 -10.32 11.26 -11.21
N SER A 18 -10.64 12.26 -12.02
CA SER A 18 -10.42 13.64 -11.58
C SER A 18 -11.21 13.98 -10.32
N GLU A 19 -12.34 13.28 -10.10
N GLU A 19 -12.30 13.26 -10.11
CA GLU A 19 -13.16 13.41 -8.86
CA GLU A 19 -13.12 13.49 -8.95
C GLU A 19 -12.76 12.46 -7.76
C GLU A 19 -12.85 12.46 -7.82
N LEU A 20 -12.22 11.31 -8.12
CA LEU A 20 -11.97 10.26 -7.14
C LEU A 20 -10.61 10.34 -6.44
N VAL A 21 -9.59 10.83 -7.14
CA VAL A 21 -8.22 10.77 -6.61
C VAL A 21 -7.54 12.14 -6.78
N GLU A 22 -6.40 12.29 -6.12
CA GLU A 22 -5.64 13.52 -6.16
C GLU A 22 -5.17 13.80 -7.60
N ARG A 23 -4.93 15.08 -7.90
CA ARG A 23 -4.64 15.51 -9.27
C ARG A 23 -3.51 14.73 -9.96
N GLY A 24 -2.36 14.66 -9.32
CA GLY A 24 -1.24 13.92 -9.89
C GLY A 24 -1.61 12.47 -10.15
N TRP A 25 -2.31 11.86 -9.18
CA TRP A 25 -2.77 10.48 -9.36
C TRP A 25 -3.77 10.32 -10.50
N ALA A 26 -4.65 11.28 -10.69
CA ALA A 26 -5.66 11.15 -11.74
C ALA A 26 -4.98 11.09 -13.11
N ALA A 27 -3.91 11.89 -13.28
CA ALA A 27 -3.14 11.86 -14.52
C ALA A 27 -2.31 10.58 -14.63
N ALA A 28 -1.69 10.17 -13.52
CA ALA A 28 -0.87 8.96 -13.53
C ALA A 28 -1.68 7.73 -13.91
N LEU A 29 -2.93 7.71 -13.45
CA LEU A 29 -3.81 6.56 -13.67
C LEU A 29 -4.65 6.66 -14.93
N GLU A 30 -4.43 7.69 -15.76
CA GLU A 30 -5.19 7.82 -17.00
C GLU A 30 -5.20 6.54 -17.84
N PRO A 31 -4.07 5.82 -17.98
CA PRO A 31 -4.10 4.61 -18.80
C PRO A 31 -5.07 3.55 -18.31
N VAL A 32 -5.42 3.58 -17.02
CA VAL A 32 -6.32 2.59 -16.45
C VAL A 32 -7.67 3.18 -16.06
N ALA A 33 -8.06 4.30 -16.67
CA ALA A 33 -9.36 4.91 -16.33
C ALA A 33 -10.53 3.95 -16.57
N ASP A 34 -10.55 3.33 -17.73
CA ASP A 34 -11.61 2.39 -18.02
C ASP A 34 -11.54 1.19 -17.09
N GLN A 35 -10.34 0.72 -16.78
CA GLN A 35 -10.18 -0.40 -15.88
C GLN A 35 -10.70 -0.11 -14.47
N VAL A 36 -10.46 1.10 -13.99
CA VAL A 36 -11.00 1.48 -12.67
C VAL A 36 -12.54 1.46 -12.71
N ALA A 37 -13.15 2.00 -13.77
CA ALA A 37 -14.61 1.93 -13.91
C ALA A 37 -15.07 0.47 -13.95
N HIS A 38 -14.31 -0.36 -14.67
N HIS A 38 -14.34 -0.39 -14.66
CA HIS A 38 -14.57 -1.80 -14.71
CA HIS A 38 -14.69 -1.81 -14.69
C HIS A 38 -14.57 -2.45 -13.33
C HIS A 38 -14.57 -2.47 -13.32
N MET A 39 -13.63 -2.04 -12.48
CA MET A 39 -13.58 -2.56 -11.12
C MET A 39 -14.79 -2.12 -10.32
N GLY A 40 -15.26 -0.90 -10.53
CA GLY A 40 -16.54 -0.50 -9.93
C GLY A 40 -17.69 -1.42 -10.35
N GLN A 41 -17.72 -1.80 -11.61
CA GLN A 41 -18.73 -2.73 -12.13
C GLN A 41 -18.57 -4.12 -11.52
N PHE A 42 -17.33 -4.56 -11.31
CA PHE A 42 -17.09 -5.82 -10.65
C PHE A 42 -17.66 -5.82 -9.22
N LEU A 43 -17.40 -4.76 -8.48
CA LEU A 43 -17.87 -4.67 -7.11
C LEU A 43 -19.38 -4.62 -7.04
N ARG A 44 -20.00 -3.90 -7.97
CA ARG A 44 -21.46 -3.90 -8.11
C ARG A 44 -21.98 -5.32 -8.34
N ALA A 45 -21.34 -6.06 -9.24
CA ALA A 45 -21.74 -7.44 -9.53
C ALA A 45 -21.58 -8.34 -8.33
N GLU A 46 -20.52 -8.13 -7.52
CA GLU A 46 -20.36 -8.91 -6.31
C GLU A 46 -21.53 -8.71 -5.37
N ILE A 47 -21.91 -7.45 -5.15
CA ILE A 47 -23.03 -7.17 -4.27
C ILE A 47 -24.34 -7.75 -4.84
N ALA A 48 -24.56 -7.62 -6.15
CA ALA A 48 -25.73 -8.21 -6.78
C ALA A 48 -25.79 -9.71 -6.57
N ALA A 49 -24.64 -10.37 -6.57
CA ALA A 49 -24.55 -11.82 -6.39
C ALA A 49 -24.64 -12.25 -4.94
N GLY A 50 -24.55 -11.33 -4.00
CA GLY A 50 -24.63 -11.65 -2.59
C GLY A 50 -23.32 -11.79 -1.84
N ARG A 51 -22.26 -11.20 -2.39
CA ARG A 51 -20.97 -11.16 -1.73
C ARG A 51 -20.65 -9.70 -1.44
N ARG A 52 -19.88 -9.48 -0.38
CA ARG A 52 -19.48 -8.14 0.03
C ARG A 52 -18.02 -7.92 -0.30
N TYR A 53 -17.53 -6.72 -0.02
CA TYR A 53 -16.13 -6.40 -0.24
C TYR A 53 -15.64 -5.41 0.83
N LEU A 54 -14.34 -5.39 1.00
CA LEU A 54 -13.64 -4.48 1.90
C LEU A 54 -12.45 -3.89 1.15
N PRO A 55 -12.02 -2.68 1.49
CA PRO A 55 -12.66 -1.76 2.41
C PRO A 55 -13.94 -1.18 1.81
N ALA A 56 -14.58 -0.29 2.54
CA ALA A 56 -15.74 0.42 2.00
C ALA A 56 -15.41 1.08 0.66
N GLY A 57 -16.41 1.21 -0.19
CA GLY A 57 -16.20 1.73 -1.54
C GLY A 57 -15.46 3.05 -1.53
N SER A 58 -15.84 3.94 -0.62
CA SER A 58 -15.24 5.27 -0.56
C SER A 58 -13.77 5.27 -0.14
N ASN A 59 -13.29 4.16 0.42
CA ASN A 59 -11.89 4.00 0.83
C ASN A 59 -11.03 3.20 -0.12
N VAL A 60 -11.62 2.56 -1.13
CA VAL A 60 -10.85 1.65 -1.96
C VAL A 60 -9.63 2.35 -2.57
N LEU A 61 -9.82 3.56 -3.08
CA LEU A 61 -8.75 4.31 -3.74
C LEU A 61 -8.07 5.32 -2.82
N ARG A 62 -8.20 5.16 -1.50
CA ARG A 62 -7.71 6.17 -0.59
C ARG A 62 -6.23 6.42 -0.69
N ALA A 63 -5.42 5.41 -1.01
CA ALA A 63 -3.99 5.65 -1.11
C ALA A 63 -3.67 6.72 -2.17
N PHE A 64 -4.51 6.83 -3.17
CA PHE A 64 -4.36 7.77 -4.29
C PHE A 64 -4.95 9.15 -4.01
N THR A 65 -5.34 9.39 -2.76
CA THR A 65 -5.80 10.71 -2.35
C THR A 65 -4.69 11.53 -1.67
N PHE A 66 -3.54 10.91 -1.46
CA PHE A 66 -2.36 11.64 -0.99
C PHE A 66 -1.50 11.95 -2.23
N PRO A 67 -0.75 13.07 -2.23
CA PRO A 67 -0.21 13.55 -3.52
C PRO A 67 0.81 12.63 -4.16
N PHE A 68 0.57 12.32 -5.42
CA PHE A 68 1.49 11.53 -6.26
C PHE A 68 2.90 12.10 -6.27
N ASP A 69 3.01 13.41 -6.45
CA ASP A 69 4.33 14.03 -6.58
C ASP A 69 5.12 14.03 -5.28
N ASN A 70 4.47 13.77 -4.14
CA ASN A 70 5.14 13.75 -2.86
C ASN A 70 5.57 12.38 -2.40
N VAL A 71 5.25 11.33 -3.14
CA VAL A 71 5.63 10.01 -2.70
C VAL A 71 7.15 9.87 -2.78
N ARG A 72 7.75 9.41 -1.69
CA ARG A 72 9.19 9.04 -1.64
C ARG A 72 9.40 7.56 -1.40
N VAL A 73 8.51 6.93 -0.63
CA VAL A 73 8.59 5.51 -0.37
C VAL A 73 7.24 4.89 -0.71
N LEU A 74 7.33 3.71 -1.29
N LEU A 74 7.22 3.78 -1.41
CA LEU A 74 6.19 2.88 -1.69
CA LEU A 74 5.98 3.01 -1.46
C LEU A 74 6.23 1.61 -0.82
C LEU A 74 6.19 1.69 -0.81
N ILE A 75 5.16 1.33 -0.06
CA ILE A 75 5.03 0.03 0.61
C ILE A 75 3.89 -0.70 -0.09
N VAL A 76 4.14 -1.92 -0.51
CA VAL A 76 3.12 -2.70 -1.17
C VAL A 76 2.91 -4.01 -0.43
N GLY A 77 1.66 -4.27 -0.04
CA GLY A 77 1.24 -5.57 0.44
C GLY A 77 0.39 -6.30 -0.57
N GLN A 78 -0.31 -7.32 -0.10
CA GLN A 78 -1.05 -8.22 -0.96
C GLN A 78 -2.43 -7.70 -1.31
N ASP A 79 -3.26 -7.53 -0.28
CA ASP A 79 -4.66 -7.16 -0.44
C ASP A 79 -5.16 -6.69 0.93
N PRO A 80 -6.36 -6.11 1.01
CA PRO A 80 -6.78 -5.51 2.29
C PRO A 80 -7.05 -6.53 3.37
N TYR A 81 -7.04 -6.06 4.60
CA TYR A 81 -7.43 -6.92 5.71
C TYR A 81 -8.81 -7.53 5.44
N PRO A 82 -8.99 -8.81 5.82
CA PRO A 82 -10.24 -9.48 5.53
C PRO A 82 -11.33 -9.33 6.59
N THR A 83 -11.00 -8.78 7.75
CA THR A 83 -11.99 -8.62 8.82
C THR A 83 -12.76 -7.34 8.66
N PRO A 84 -14.09 -7.39 8.63
CA PRO A 84 -14.81 -6.15 8.60
C PRO A 84 -14.40 -5.23 9.76
N GLY A 85 -14.18 -3.97 9.44
CA GLY A 85 -13.73 -3.01 10.45
C GLY A 85 -12.24 -2.79 10.54
N HIS A 86 -11.44 -3.55 9.79
CA HIS A 86 -10.00 -3.35 9.77
C HIS A 86 -9.51 -2.52 8.58
N ALA A 87 -9.80 -2.93 7.35
CA ALA A 87 -9.24 -2.21 6.19
C ALA A 87 -9.80 -0.82 6.07
N VAL A 88 -8.92 0.12 5.76
CA VAL A 88 -9.29 1.54 5.61
C VAL A 88 -8.79 2.11 4.32
N GLY A 89 -8.25 1.29 3.42
CA GLY A 89 -7.78 1.80 2.14
C GLY A 89 -6.35 2.27 2.09
N LEU A 90 -5.65 2.19 3.23
CA LEU A 90 -4.20 2.40 3.29
C LEU A 90 -3.64 1.08 3.75
N SER A 91 -2.74 0.48 2.97
CA SER A 91 -2.30 -0.87 3.31
C SER A 91 -1.75 -0.90 4.74
N PHE A 92 -2.14 -1.99 5.43
CA PHE A 92 -1.73 -2.32 6.79
C PHE A 92 -2.28 -1.44 7.89
N SER A 93 -2.82 -0.28 7.57
CA SER A 93 -3.33 0.64 8.57
C SER A 93 -4.67 0.18 9.12
N VAL A 94 -4.92 0.54 10.38
CA VAL A 94 -6.26 0.40 10.94
C VAL A 94 -6.67 1.71 11.60
N ALA A 95 -7.96 1.86 11.86
CA ALA A 95 -8.45 3.06 12.56
C ALA A 95 -7.83 3.12 13.95
N PRO A 96 -7.69 4.34 14.50
CA PRO A 96 -6.99 4.48 15.79
C PRO A 96 -7.66 3.74 16.95
N ASP A 97 -8.95 3.43 16.81
CA ASP A 97 -9.65 2.71 17.86
C ASP A 97 -9.64 1.18 17.74
N VAL A 98 -9.00 0.65 16.72
CA VAL A 98 -8.96 -0.81 16.54
C VAL A 98 -7.95 -1.48 17.45
N ARG A 99 -8.38 -2.42 18.28
N ARG A 99 -8.42 -2.56 18.06
CA ARG A 99 -7.46 -3.25 19.08
CA ARG A 99 -7.60 -3.43 18.88
C ARG A 99 -8.25 -4.50 19.41
C ARG A 99 -8.38 -4.70 19.21
N PRO A 100 -7.58 -5.66 19.44
N PRO A 100 -7.68 -5.83 19.29
CA PRO A 100 -6.19 -5.93 19.12
CA PRO A 100 -6.24 -5.89 19.09
C PRO A 100 -5.84 -5.65 17.67
C PRO A 100 -5.84 -5.65 17.65
N TRP A 101 -4.57 -5.34 17.44
CA TRP A 101 -4.05 -5.12 16.09
C TRP A 101 -4.07 -6.42 15.30
N PRO A 102 -4.32 -6.33 13.99
CA PRO A 102 -4.11 -7.49 13.16
C PRO A 102 -2.69 -8.00 13.30
N ARG A 103 -2.51 -9.29 13.08
CA ARG A 103 -1.20 -9.91 13.27
C ARG A 103 -0.10 -9.36 12.37
N SER A 104 -0.38 -9.10 11.10
N SER A 104 -0.44 -9.06 11.12
CA SER A 104 0.69 -8.57 10.28
CA SER A 104 0.56 -8.49 10.20
C SER A 104 1.12 -7.18 10.78
C SER A 104 1.10 -7.20 10.78
N LEU A 105 0.19 -6.38 11.30
CA LEU A 105 0.55 -5.07 11.84
C LEU A 105 1.37 -5.19 13.11
N ALA A 106 0.99 -6.12 14.00
CA ALA A 106 1.80 -6.38 15.17
C ALA A 106 3.23 -6.75 14.75
N ASN A 107 3.38 -7.53 13.70
CA ASN A 107 4.71 -7.91 13.24
C ASN A 107 5.47 -6.73 12.62
N ILE A 108 4.78 -5.91 11.83
CA ILE A 108 5.37 -4.68 11.32
C ILE A 108 5.90 -3.84 12.46
N PHE A 109 5.08 -3.65 13.49
CA PHE A 109 5.49 -2.80 14.58
C PHE A 109 6.64 -3.40 15.40
N ASP A 110 6.69 -4.74 15.50
CA ASP A 110 7.80 -5.40 16.14
C ASP A 110 9.09 -5.03 15.40
N GLU A 111 9.06 -5.14 14.07
CA GLU A 111 10.23 -4.81 13.27
C GLU A 111 10.56 -3.31 13.33
N TYR A 112 9.55 -2.46 13.33
CA TYR A 112 9.72 -1.03 13.50
C TYR A 112 10.51 -0.72 14.77
N THR A 113 10.13 -1.34 15.91
N THR A 113 10.12 -1.34 15.88
CA THR A 113 10.86 -1.09 17.16
CA THR A 113 10.81 -1.08 17.11
C THR A 113 12.28 -1.62 17.08
C THR A 113 12.24 -1.63 17.09
N ALA A 114 12.45 -2.81 16.52
CA ALA A 114 13.79 -3.42 16.42
C ALA A 114 14.72 -2.61 15.53
N ASP A 115 14.19 -2.14 14.40
CA ASP A 115 14.99 -1.42 13.41
C ASP A 115 15.34 0.00 13.90
N LEU A 116 14.33 0.71 14.35
CA LEU A 116 14.44 2.14 14.61
C LEU A 116 14.65 2.50 16.08
N GLY A 117 14.34 1.58 16.98
CA GLY A 117 14.54 1.82 18.41
C GLY A 117 13.42 2.62 19.05
N TYR A 118 12.36 2.90 18.30
CA TYR A 118 11.22 3.66 18.79
C TYR A 118 10.34 2.76 19.67
N PRO A 119 9.56 3.37 20.58
CA PRO A 119 8.66 2.55 21.36
C PRO A 119 7.53 2.03 20.48
N LEU A 120 6.82 1.04 20.96
CA LEU A 120 5.69 0.56 20.19
C LEU A 120 4.71 1.72 19.98
N PRO A 121 4.12 1.82 18.79
CA PRO A 121 3.12 2.84 18.56
C PRO A 121 1.92 2.69 19.48
N SER A 122 1.25 3.81 19.74
CA SER A 122 0.06 3.83 20.56
C SER A 122 -1.14 3.11 19.92
N ASN A 123 -1.25 3.17 18.59
CA ASN A 123 -2.35 2.53 17.88
C ASN A 123 -1.89 2.16 16.48
N GLY A 124 -2.78 1.59 15.70
CA GLY A 124 -2.43 1.08 14.39
C GLY A 124 -2.66 2.02 13.22
N ASP A 125 -2.85 3.30 13.49
CA ASP A 125 -3.13 4.29 12.44
C ASP A 125 -1.83 4.73 11.79
N LEU A 126 -1.67 4.37 10.51
CA LEU A 126 -0.49 4.71 9.72
C LEU A 126 -0.65 5.98 8.90
N THR A 127 -1.74 6.74 9.10
N THR A 127 -1.72 6.73 9.14
CA THR A 127 -1.86 7.99 8.35
CA THR A 127 -1.93 7.98 8.43
C THR A 127 -0.65 8.91 8.45
C THR A 127 -0.72 8.94 8.50
N PRO A 128 0.05 8.98 9.60
CA PRO A 128 1.23 9.87 9.58
C PRO A 128 2.21 9.50 8.45
N TRP A 129 2.42 8.20 8.20
CA TRP A 129 3.27 7.80 7.11
C TRP A 129 2.74 8.30 5.77
N ALA A 130 1.43 8.14 5.53
CA ALA A 130 0.82 8.61 4.30
C ALA A 130 0.99 10.10 4.11
N GLN A 131 0.90 10.84 5.20
CA GLN A 131 1.02 12.30 5.19
C GLN A 131 2.44 12.79 5.02
N ARG A 132 3.40 11.88 5.13
CA ARG A 132 4.82 12.18 5.03
C ARG A 132 5.47 11.59 3.78
N GLY A 133 4.65 11.15 2.81
CA GLY A 133 5.20 10.70 1.55
C GLY A 133 5.41 9.20 1.40
N VAL A 134 4.76 8.42 2.24
CA VAL A 134 4.79 6.96 2.10
C VAL A 134 3.46 6.52 1.49
N LEU A 135 3.53 5.88 0.34
CA LEU A 135 2.33 5.34 -0.31
C LEU A 135 2.06 3.94 0.22
N LEU A 136 0.88 3.75 0.79
CA LEU A 136 0.50 2.49 1.44
C LEU A 136 -0.44 1.74 0.52
N LEU A 137 0.18 1.02 -0.41
CA LEU A 137 -0.53 0.33 -1.47
C LEU A 137 -0.68 -1.16 -1.17
N ASN A 138 -1.71 -1.77 -1.72
CA ASN A 138 -1.80 -3.22 -1.86
C ASN A 138 -1.82 -3.54 -3.33
N ARG A 139 -1.32 -4.73 -3.70
CA ARG A 139 -1.33 -5.14 -5.10
C ARG A 139 -2.75 -5.23 -5.66
N VAL A 140 -3.66 -5.68 -4.81
CA VAL A 140 -5.07 -5.80 -5.10
C VAL A 140 -5.82 -4.97 -4.05
N LEU A 141 -6.82 -4.19 -4.47
CA LEU A 141 -7.39 -3.14 -3.62
C LEU A 141 -8.70 -3.46 -2.94
N THR A 142 -9.25 -4.65 -3.17
CA THR A 142 -10.42 -5.11 -2.46
C THR A 142 -10.27 -6.58 -2.12
N VAL A 143 -11.11 -7.04 -1.19
CA VAL A 143 -11.15 -8.45 -0.77
C VAL A 143 -12.57 -8.75 -0.32
N ARG A 144 -13.02 -9.99 -0.48
CA ARG A 144 -14.27 -10.42 0.14
C ARG A 144 -14.02 -10.65 1.63
N PRO A 145 -14.95 -10.20 2.51
CA PRO A 145 -14.75 -10.42 3.93
C PRO A 145 -14.40 -11.87 4.22
N SER A 146 -13.45 -12.02 5.13
CA SER A 146 -13.02 -13.30 5.68
C SER A 146 -12.26 -14.21 4.71
N ASN A 147 -11.94 -13.70 3.52
CA ASN A 147 -11.38 -14.54 2.45
C ASN A 147 -10.16 -13.88 1.80
N PRO A 148 -9.01 -13.94 2.47
CA PRO A 148 -7.79 -13.36 1.88
C PRO A 148 -7.56 -13.82 0.45
N ALA A 149 -7.12 -12.88 -0.39
CA ALA A 149 -6.77 -13.12 -1.79
C ALA A 149 -7.96 -13.42 -2.70
N SER A 150 -9.19 -13.29 -2.20
CA SER A 150 -10.35 -13.62 -2.98
C SER A 150 -10.55 -12.76 -4.21
N HIS A 151 -9.98 -11.55 -4.27
CA HIS A 151 -10.09 -10.73 -5.47
C HIS A 151 -8.83 -10.73 -6.30
N ARG A 152 -7.89 -11.62 -6.03
CA ARG A 152 -6.73 -11.76 -6.90
C ARG A 152 -7.18 -12.09 -8.32
N GLY A 153 -6.55 -11.44 -9.30
CA GLY A 153 -6.83 -11.75 -10.70
C GLY A 153 -8.14 -11.24 -11.24
N LYS A 154 -8.77 -10.28 -10.57
CA LYS A 154 -10.06 -9.76 -10.96
C LYS A 154 -9.95 -8.41 -11.65
N GLY A 155 -8.73 -7.92 -11.85
CA GLY A 155 -8.51 -6.69 -12.59
C GLY A 155 -7.80 -5.58 -11.85
N TRP A 156 -7.59 -5.70 -10.53
CA TRP A 156 -6.87 -4.65 -9.84
C TRP A 156 -5.40 -4.60 -10.21
N GLU A 157 -4.81 -5.73 -10.59
CA GLU A 157 -3.37 -5.77 -10.85
C GLU A 157 -2.96 -4.76 -11.93
N ALA A 158 -3.78 -4.58 -12.96
CA ALA A 158 -3.44 -3.60 -14.00
C ALA A 158 -3.40 -2.19 -13.43
N VAL A 159 -4.29 -1.93 -12.47
CA VAL A 159 -4.34 -0.60 -11.85
C VAL A 159 -3.08 -0.34 -11.02
N THR A 160 -2.69 -1.29 -10.18
CA THR A 160 -1.52 -1.07 -9.34
C THR A 160 -0.22 -1.13 -10.13
N GLU A 161 -0.20 -1.92 -11.20
CA GLU A 161 0.93 -1.89 -12.14
C GLU A 161 1.10 -0.49 -12.72
N CYS A 162 -0.01 0.10 -13.18
CA CYS A 162 0.03 1.44 -13.76
C CYS A 162 0.53 2.46 -12.73
N ALA A 163 0.04 2.36 -11.49
CA ALA A 163 0.48 3.25 -10.42
C ALA A 163 2.00 3.19 -10.23
N ILE A 164 2.54 1.98 -10.20
CA ILE A 164 3.99 1.78 -10.01
C ILE A 164 4.76 2.32 -11.20
N ARG A 165 4.32 2.05 -12.44
N ARG A 165 4.28 2.00 -12.38
CA ARG A 165 5.06 2.56 -13.61
CA ARG A 165 4.97 2.41 -13.55
C ARG A 165 5.09 4.06 -13.58
C ARG A 165 5.05 3.96 -13.58
N ALA A 166 3.97 4.64 -13.23
CA ALA A 166 3.92 6.08 -13.21
C ALA A 166 4.85 6.66 -12.15
N LEU A 167 4.85 6.08 -10.96
CA LEU A 167 5.76 6.53 -9.92
C LEU A 167 7.20 6.43 -10.39
N ALA A 168 7.53 5.29 -11.00
CA ALA A 168 8.92 5.06 -11.43
C ALA A 168 9.35 6.00 -12.56
N ALA A 169 8.40 6.49 -13.35
CA ALA A 169 8.70 7.38 -14.48
C ALA A 169 8.92 8.83 -14.03
N ARG A 170 8.51 9.18 -12.82
CA ARG A 170 8.73 10.54 -12.30
C ARG A 170 10.20 10.84 -12.23
N ALA A 171 10.52 12.11 -12.44
CA ALA A 171 11.86 12.62 -12.23
C ALA A 171 12.06 12.91 -10.77
N ALA A 172 12.09 11.83 -10.00
CA ALA A 172 12.14 11.91 -8.57
C ALA A 172 12.64 10.59 -8.03
N PRO A 173 13.24 10.64 -6.85
CA PRO A 173 13.64 9.41 -6.18
C PRO A 173 12.46 8.61 -5.65
N LEU A 174 12.62 7.30 -5.67
CA LEU A 174 11.63 6.40 -5.12
C LEU A 174 12.32 5.20 -4.54
N VAL A 175 11.89 4.81 -3.33
CA VAL A 175 12.26 3.53 -2.74
C VAL A 175 11.00 2.70 -2.60
N ALA A 176 11.06 1.46 -3.07
CA ALA A 176 9.93 0.54 -2.94
C ALA A 176 10.25 -0.55 -1.93
N ILE A 177 9.27 -0.84 -1.08
CA ILE A 177 9.30 -1.93 -0.14
C ILE A 177 8.17 -2.87 -0.56
N LEU A 178 8.55 -4.06 -0.99
CA LEU A 178 7.60 -5.04 -1.52
C LEU A 178 7.50 -6.20 -0.55
N TRP A 179 6.34 -6.34 0.07
CA TRP A 179 6.15 -7.34 1.13
C TRP A 179 5.32 -8.47 0.57
N GLY A 180 5.99 -9.59 0.30
CA GLY A 180 5.31 -10.77 -0.17
C GLY A 180 5.30 -10.98 -1.67
N ARG A 181 4.78 -12.13 -2.08
CA ARG A 181 4.91 -12.58 -3.46
C ARG A 181 4.10 -11.72 -4.44
N ASP A 182 2.86 -11.39 -4.11
CA ASP A 182 2.07 -10.61 -5.04
C ASP A 182 2.68 -9.22 -5.22
N ALA A 183 3.12 -8.60 -4.13
CA ALA A 183 3.81 -7.31 -4.22
C ALA A 183 5.04 -7.41 -5.12
N SER A 184 5.76 -8.55 -5.00
N SER A 184 5.79 -8.51 -5.01
CA SER A 184 7.01 -8.78 -5.71
CA SER A 184 7.04 -8.62 -5.74
C SER A 184 6.85 -8.75 -7.22
C SER A 184 6.85 -8.75 -7.24
N THR A 185 5.64 -8.99 -7.72
CA THR A 185 5.40 -9.00 -9.16
C THR A 185 5.49 -7.59 -9.75
N LEU A 186 5.61 -6.57 -8.90
CA LEU A 186 5.86 -5.21 -9.37
C LEU A 186 7.33 -4.93 -9.62
N LYS A 187 8.22 -5.84 -9.23
CA LYS A 187 9.62 -5.58 -9.35
C LYS A 187 10.09 -5.23 -10.79
N PRO A 188 9.61 -5.95 -11.83
CA PRO A 188 10.12 -5.63 -13.17
C PRO A 188 9.86 -4.18 -13.56
N MET A 189 8.73 -3.65 -13.12
CA MET A 189 8.36 -2.27 -13.47
C MET A 189 9.23 -1.23 -12.72
N LEU A 190 9.80 -1.65 -11.60
CA LEU A 190 10.63 -0.76 -10.78
C LEU A 190 12.14 -0.68 -11.23
N ALA A 191 12.43 -0.97 -12.49
CA ALA A 191 13.83 -1.10 -12.98
C ALA A 191 14.68 0.16 -13.25
N ALA A 192 14.07 1.33 -13.46
CA ALA A 192 14.81 2.55 -13.81
C ALA A 192 15.72 3.05 -12.67
N GLY A 193 16.83 3.68 -13.06
CA GLY A 193 17.88 4.13 -12.13
C GLY A 193 17.50 5.06 -10.99
N ASN A 194 16.39 5.78 -11.14
CA ASN A 194 15.82 6.62 -10.07
C ASN A 194 15.07 5.85 -8.95
N CYS A 195 14.89 4.55 -9.14
N CYS A 195 15.03 4.52 -9.07
CA CYS A 195 14.12 3.71 -8.25
CA CYS A 195 14.22 3.70 -8.20
C CYS A 195 15.00 2.64 -7.68
C CYS A 195 15.01 2.52 -7.66
N VAL A 196 14.80 2.36 -6.39
N VAL A 196 14.73 2.13 -6.43
CA VAL A 196 15.41 1.19 -5.70
CA VAL A 196 15.38 0.98 -5.87
C VAL A 196 14.33 0.31 -5.01
C VAL A 196 14.39 0.29 -4.99
N ALA A 197 14.46 -1.02 -5.06
CA ALA A 197 13.52 -1.91 -4.42
C ALA A 197 14.18 -2.73 -3.33
N ILE A 198 13.50 -2.75 -2.19
CA ILE A 198 13.72 -3.66 -1.10
C ILE A 198 12.59 -4.72 -1.23
N GLU A 199 12.96 -6.00 -1.27
CA GLU A 199 11.99 -7.12 -1.27
C GLU A 199 12.18 -7.98 -0.05
N SER A 200 11.10 -8.34 0.65
N SER A 200 11.07 -8.36 0.59
CA SER A 200 11.21 -9.32 1.72
CA SER A 200 11.09 -9.15 1.80
C SER A 200 9.93 -10.12 1.79
C SER A 200 9.87 -10.09 1.81
N PRO A 201 9.97 -11.24 2.50
CA PRO A 201 8.75 -11.95 2.85
C PRO A 201 7.76 -11.03 3.55
N HIS A 202 6.51 -11.37 3.43
CA HIS A 202 5.43 -10.61 3.99
C HIS A 202 5.45 -10.72 5.53
N PRO A 203 4.98 -9.67 6.22
CA PRO A 203 4.97 -9.70 7.68
C PRO A 203 3.94 -10.59 8.33
N SER A 204 3.04 -11.18 7.55
CA SER A 204 2.09 -12.12 8.12
C SER A 204 2.82 -13.25 8.87
N PRO A 205 2.21 -13.78 9.94
CA PRO A 205 2.81 -14.93 10.63
C PRO A 205 3.21 -16.11 9.73
N LEU A 206 2.51 -16.28 8.62
CA LEU A 206 2.83 -17.40 7.74
C LEU A 206 4.21 -17.30 7.11
N SER A 207 4.70 -16.08 6.90
CA SER A 207 5.95 -15.89 6.18
C SER A 207 6.97 -15.05 6.93
N ALA A 208 6.60 -14.38 8.03
CA ALA A 208 7.49 -13.38 8.60
C ALA A 208 8.83 -13.96 9.04
N SER A 209 8.83 -15.21 9.51
CA SER A 209 10.06 -15.84 9.98
C SER A 209 10.98 -16.31 8.85
N ARG A 210 10.56 -16.13 7.61
CA ARG A 210 11.38 -16.44 6.44
C ARG A 210 12.28 -15.28 6.04
N GLY A 211 12.23 -14.17 6.77
CA GLY A 211 13.07 -13.03 6.43
C GLY A 211 12.45 -11.67 6.61
N PHE A 212 11.20 -11.57 7.08
CA PHE A 212 10.68 -10.26 7.44
C PHE A 212 11.32 -9.72 8.71
N PHE A 213 11.31 -10.51 9.78
CA PHE A 213 11.97 -10.07 11.00
C PHE A 213 13.46 -9.94 10.70
N GLY A 214 14.03 -8.83 11.14
CA GLY A 214 15.42 -8.51 10.87
C GLY A 214 15.68 -7.81 9.55
N SER A 215 14.63 -7.58 8.75
CA SER A 215 14.81 -6.99 7.42
C SER A 215 15.08 -5.48 7.46
N ARG A 216 14.80 -4.81 8.59
CA ARG A 216 15.18 -3.40 8.75
C ARG A 216 14.78 -2.52 7.56
N PRO A 217 13.50 -2.59 7.14
CA PRO A 217 13.14 -1.88 5.92
C PRO A 217 13.12 -0.37 6.06
N PHE A 218 12.87 0.11 7.26
CA PHE A 218 12.66 1.52 7.48
C PHE A 218 14.00 2.27 7.43
N SER A 219 14.98 1.77 8.16
CA SER A 219 16.31 2.38 8.08
C SER A 219 16.97 2.16 6.71
N ARG A 220 16.73 1.02 6.08
CA ARG A 220 17.29 0.80 4.75
C ARG A 220 16.69 1.80 3.76
N ALA A 221 15.37 2.00 3.83
CA ALA A 221 14.73 2.95 2.93
C ALA A 221 15.34 4.33 3.10
N ASN A 222 15.57 4.73 4.34
CA ASN A 222 16.15 6.04 4.58
C ASN A 222 17.59 6.16 4.08
N GLU A 223 18.39 5.13 4.25
CA GLU A 223 19.76 5.12 3.67
CA GLU A 223 19.73 5.11 3.66
C GLU A 223 19.69 5.27 2.15
N LEU A 224 18.76 4.57 1.53
CA LEU A 224 18.60 4.66 0.09
C LEU A 224 18.15 6.05 -0.37
N LEU A 225 17.20 6.64 0.35
CA LEU A 225 16.74 8.00 0.00
C LEU A 225 17.89 9.00 0.10
N VAL A 226 18.62 8.95 1.22
CA VAL A 226 19.70 9.91 1.43
C VAL A 226 20.76 9.71 0.35
N GLY A 227 21.02 8.47 -0.05
CA GLY A 227 21.98 8.23 -1.14
C GLY A 227 21.56 8.70 -2.53
N MET A 228 20.27 8.96 -2.70
CA MET A 228 19.74 9.55 -3.94
C MET A 228 19.53 11.06 -3.81
N GLY A 229 19.95 11.61 -2.68
CA GLY A 229 19.83 13.05 -2.42
C GLY A 229 18.44 13.49 -1.97
N ALA A 230 17.65 12.53 -1.48
CA ALA A 230 16.32 12.80 -0.97
C ALA A 230 16.32 12.85 0.55
N GLU A 231 15.30 13.51 1.11
CA GLU A 231 15.12 13.52 2.55
C GLU A 231 14.61 12.16 3.04
N PRO A 232 15.10 11.71 4.20
CA PRO A 232 14.59 10.46 4.76
C PRO A 232 13.14 10.64 5.25
N ILE A 233 12.44 9.55 5.43
CA ILE A 233 11.12 9.57 6.03
C ILE A 233 11.26 9.65 7.55
N ASP A 234 10.46 10.50 8.19
CA ASP A 234 10.29 10.42 9.63
C ASP A 234 9.26 9.32 9.88
N TRP A 235 9.73 8.15 10.29
CA TRP A 235 8.86 7.00 10.50
C TRP A 235 8.14 7.05 11.86
N ARG A 236 8.51 7.97 12.76
N ARG A 236 8.52 7.97 12.75
CA ARG A 236 8.02 7.90 14.13
CA ARG A 236 8.03 7.91 14.11
C ARG A 236 6.52 8.08 14.22
C ARG A 236 6.52 8.09 14.23
N LEU A 237 5.87 7.10 14.82
CA LEU A 237 4.44 7.15 15.09
C LEU A 237 4.24 7.51 16.56
N PRO A 238 3.14 8.20 16.87
CA PRO A 238 2.87 8.54 18.27
C PRO A 238 2.49 7.32 19.09
N1 WBU B . -3.55 -5.96 5.20
C2 WBU B . -3.01 -5.22 4.22
O2 WBU B . -3.47 -4.06 3.97
N3 WBU B . -2.19 -5.78 3.31
C4 WBU B . -1.78 -7.06 3.44
O4 WBU B . -1.01 -7.58 2.64
C5 WBU B . -2.30 -7.83 4.57
C6 WBU B . -3.18 -7.21 5.43
N01 WBU B . -1.92 -9.12 4.77
C1 CIT C . -7.66 -12.25 10.52
O1 CIT C . -7.41 -12.51 11.74
O2 CIT C . -8.85 -12.13 10.08
C2 CIT C . -6.53 -12.10 9.53
C3 CIT C . -5.49 -11.07 9.74
O7 CIT C . -5.95 -9.83 9.98
C4 CIT C . -4.34 -11.28 8.75
C5 CIT C . -3.27 -10.19 8.86
O3 CIT C . -2.97 -9.71 9.94
O4 CIT C . -2.69 -9.81 7.82
C6 CIT C . -4.81 -11.47 11.12
O5 CIT C . -4.20 -12.59 11.23
O6 CIT C . -4.86 -10.73 12.15
C1 CIT D . 1.66 -18.67 2.67
O1 CIT D . 2.02 -19.85 2.84
O2 CIT D . 0.48 -18.27 2.79
C2 CIT D . 2.75 -17.68 2.34
C3 CIT D . 2.25 -16.47 1.56
O7 CIT D . 1.27 -15.80 2.32
C4 CIT D . 3.43 -15.53 1.34
C5 CIT D . 3.15 -14.40 0.38
O3 CIT D . 4.10 -13.66 0.20
O4 CIT D . 2.05 -14.25 -0.17
C6 CIT D . 1.73 -16.91 0.21
O5 CIT D . 2.53 -17.38 -0.61
O6 CIT D . 0.51 -16.74 -0.09
C1 EDO E . 0.16 -12.14 3.31
O1 EDO E . 0.92 -12.45 2.16
C2 EDO E . -1.18 -12.83 3.19
O2 EDO E . -2.12 -12.03 3.90
S DMS F . -24.95 -10.67 2.51
O DMS F . -24.76 -9.27 2.18
C1 DMS F . -23.66 -11.53 3.04
C2 DMS F . -26.01 -11.61 1.72
S DMS G . -20.04 -3.47 0.58
O DMS G . -19.70 -4.86 0.92
C1 DMS G . -20.92 -3.01 1.98
C2 DMS G . -18.67 -2.51 0.98
S DMS H . -1.69 -5.62 19.93
O DMS H . -3.08 -5.15 19.76
C1 DMS H . -0.85 -6.40 18.68
C2 DMS H . -0.75 -4.42 20.75
S DMS I . -4.39 14.02 1.89
O DMS I . -4.01 14.18 3.32
C1 DMS I . -5.66 12.88 1.82
C2 DMS I . -5.22 15.45 1.45
C1 IPA J . 5.07 18.21 6.10
C2 IPA J . 5.10 16.70 6.04
C3 IPA J . 4.00 16.13 6.93
O2 IPA J . 4.82 16.37 4.69
CL CL K . -21.79 -16.51 -3.04
CL CL L . -19.44 -11.80 1.71
#